data_4OI7
#
_entry.id   4OI7
#
_cell.length_a   77.920
_cell.length_b   77.920
_cell.length_c   224.387
_cell.angle_alpha   90.00
_cell.angle_beta   90.00
_cell.angle_gamma   120.00
#
_symmetry.space_group_name_H-M   'P 61'
#
loop_
_entity.id
_entity.type
_entity.pdbx_description
1 polymer 'Advanced glycosylation end product-specific receptor'
2 polymer "5'-D(*CP*TP*GP*CP*AP*AP*CP*GP*AP*TP*GP*CP*TP*AP*CP*GP*AP*AP*CP*GP*TP*G)-3'"
3 polymer "5'-D(*CP*AP*CP*GP*TP*TP*CP*GP*TP*AP*GP*CP*AP*TP*CP*GP*TP*TP*GP*CP*AP*G)-3'"
4 non-polymer 1,2-ETHANEDIOL
5 water water
#
loop_
_entity_poly.entity_id
_entity_poly.type
_entity_poly.pdbx_seq_one_letter_code
_entity_poly.pdbx_strand_id
1 'polypeptide(L)'
;GSVDAQNITARIGEPLVLKCKGAPKKPPQRLEWKLNTGRTEAWKVLSPQGGGPWDSVARVLPNGSLFLPAVGIQDEGIFR
CQAMNRNGKETKSNYRVRVYQIPGKPEIVDSASELTAGVPNKVGTCVSEGSYPAGTLSWHLDGKPLVPNEKGVSVKEQTR
RHPETGLFTLQSELMVTPARGGDPRPTFSCSFSPGLPRHRALRTAPIQPRVWEPVPLEEAAAS
;
A,B
2 'polydeoxyribonucleotide'
;(DC)(DT)(DG)(DC)(DA)(DA)(DC)(DG)(DA)(DT)(DG)(DC)(DT)(DA)(DC)(DG)(DA)(DA)(DC)(DG)
(DT)(DG)
;
E
3 'polydeoxyribonucleotide'
;(DC)(DA)(DC)(DG)(DT)(DT)(DC)(DG)(DT)(DA)(DG)(DC)(DA)(DT)(DC)(DG)(DT)(DT)(DG)(DC)
(DA)(DG)
;
F
#
# COMPACT_ATOMS: atom_id res chain seq x y z
N ALA A 5 9.76 16.82 -7.51
CA ALA A 5 8.48 16.18 -7.25
C ALA A 5 8.48 14.73 -7.71
N GLN A 6 7.94 13.84 -6.88
CA GLN A 6 7.91 12.43 -7.22
C GLN A 6 6.68 12.07 -8.05
N ASN A 7 6.92 11.61 -9.28
CA ASN A 7 5.84 11.25 -10.19
C ASN A 7 5.05 10.06 -9.67
N ILE A 8 3.73 10.11 -9.81
CA ILE A 8 2.86 9.09 -9.26
C ILE A 8 1.72 8.73 -10.24
N THR A 9 1.24 7.49 -10.15
CA THR A 9 0.18 7.01 -11.04
C THR A 9 -0.69 5.95 -10.36
N ALA A 10 -2.00 5.96 -10.66
CA ALA A 10 -2.93 4.92 -10.20
C ALA A 10 -4.21 4.86 -11.04
N ARG A 11 -4.93 3.73 -10.93
CA ARG A 11 -6.18 3.54 -11.65
C ARG A 11 -7.33 4.30 -11.03
N ILE A 12 -8.17 4.88 -11.87
CA ILE A 12 -9.38 5.56 -11.40
C ILE A 12 -10.23 4.57 -10.63
N GLY A 13 -10.88 5.04 -9.56
CA GLY A 13 -11.69 4.18 -8.72
C GLY A 13 -10.86 3.64 -7.57
N GLU A 14 -9.54 3.68 -7.75
CA GLU A 14 -8.62 3.18 -6.74
C GLU A 14 -8.41 4.18 -5.62
N PRO A 15 -8.00 3.67 -4.45
CA PRO A 15 -7.65 4.49 -3.29
C PRO A 15 -6.29 5.10 -3.48
N LEU A 16 -6.00 6.18 -2.78
CA LEU A 16 -4.65 6.72 -2.80
C LEU A 16 -4.19 7.22 -1.45
N VAL A 17 -2.95 6.90 -1.11
CA VAL A 17 -2.40 7.29 0.16
C VAL A 17 -1.01 7.90 0.02
N LEU A 18 -0.91 9.16 0.43
CA LEU A 18 0.34 9.88 0.31
C LEU A 18 1.02 9.97 1.66
N LYS A 19 2.26 9.51 1.72
CA LYS A 19 3.01 9.54 2.96
C LYS A 19 3.56 10.93 3.24
N CYS A 20 3.25 11.48 4.42
CA CYS A 20 3.89 12.70 4.84
C CYS A 20 5.24 12.28 5.39
N LYS A 21 6.30 12.95 4.93
CA LYS A 21 7.65 12.55 5.27
C LYS A 21 8.22 13.37 6.43
N GLY A 22 8.82 12.67 7.39
CA GLY A 22 9.47 13.31 8.52
C GLY A 22 8.51 13.78 9.59
N ALA A 23 7.32 13.20 9.63
CA ALA A 23 6.28 13.65 10.56
C ALA A 23 5.83 12.56 11.51
N PRO A 24 5.55 12.94 12.78
CA PRO A 24 5.13 12.01 13.83
C PRO A 24 4.01 11.12 13.34
N LYS A 25 4.12 9.82 13.61
CA LYS A 25 3.16 8.84 13.11
C LYS A 25 1.85 8.91 13.88
N LYS A 26 1.93 9.30 15.16
CA LYS A 26 0.74 9.39 15.99
C LYS A 26 0.41 10.85 16.25
N PRO A 27 -0.88 11.17 16.40
CA PRO A 27 -1.22 12.57 16.66
C PRO A 27 -0.85 12.95 18.09
N PRO A 28 -0.99 14.24 18.44
CA PRO A 28 -1.18 15.29 17.43
C PRO A 28 0.14 15.65 16.77
N GLN A 29 0.10 16.09 15.51
CA GLN A 29 1.30 16.54 14.84
C GLN A 29 1.07 17.92 14.26
N ARG A 30 2.17 18.61 13.97
CA ARG A 30 2.09 19.89 13.30
C ARG A 30 2.49 19.70 11.84
N LEU A 31 1.53 19.77 10.95
CA LEU A 31 1.81 19.56 9.54
C LEU A 31 0.75 20.17 8.63
N GLU A 32 1.11 20.37 7.37
CA GLU A 32 0.24 21.06 6.42
C GLU A 32 0.23 20.36 5.07
N TRP A 33 -0.95 19.94 4.62
CA TRP A 33 -1.12 19.44 3.27
C TRP A 33 -1.78 20.51 2.40
N LYS A 34 -1.00 21.08 1.49
CA LYS A 34 -1.51 22.07 0.55
C LYS A 34 -1.33 21.54 -0.87
N LEU A 35 -2.41 21.52 -1.64
CA LEU A 35 -2.37 20.90 -2.95
C LEU A 35 -3.22 21.65 -3.94
N ASN A 36 -2.93 21.46 -5.23
CA ASN A 36 -3.77 21.99 -6.28
C ASN A 36 -4.14 20.89 -7.27
N THR A 37 -5.42 20.55 -7.35
CA THR A 37 -5.89 19.54 -8.28
C THR A 37 -7.08 20.07 -9.06
N GLY A 38 -7.65 19.21 -9.89
CA GLY A 38 -8.84 19.55 -10.65
C GLY A 38 -10.02 19.79 -9.72
N ARG A 39 -9.87 19.43 -8.45
CA ARG A 39 -10.94 19.67 -7.49
C ARG A 39 -10.72 20.99 -6.75
N THR A 40 -9.61 21.67 -7.03
CA THR A 40 -9.25 22.89 -6.30
C THR A 40 -9.46 24.16 -7.11
N GLU A 41 -10.03 25.16 -6.44
CA GLU A 41 -10.19 26.50 -7.01
C GLU A 41 -8.88 27.26 -6.93
N ALA A 42 -8.03 26.84 -5.99
CA ALA A 42 -6.69 27.36 -5.86
C ALA A 42 -5.90 26.34 -5.08
N TRP A 43 -4.72 26.72 -4.60
CA TRP A 43 -4.05 25.91 -3.60
C TRP A 43 -5.01 25.67 -2.44
N LYS A 44 -5.19 24.41 -2.05
CA LYS A 44 -6.08 24.07 -0.95
C LYS A 44 -5.27 23.48 0.21
N VAL A 45 -5.56 23.94 1.42
CA VAL A 45 -4.84 23.44 2.60
C VAL A 45 -5.75 22.63 3.52
N LEU A 46 -5.45 21.34 3.65
CA LEU A 46 -6.22 20.44 4.49
C LEU A 46 -5.48 20.15 5.79
N SER A 47 -6.17 20.26 6.92
CA SER A 47 -5.52 20.22 8.24
C SER A 47 -5.61 18.85 8.90
N PRO A 48 -4.98 18.70 10.08
CA PRO A 48 -5.02 17.42 10.78
C PRO A 48 -6.47 16.94 10.92
N GLN A 49 -7.36 17.83 11.34
CA GLN A 49 -8.76 17.46 11.46
C GLN A 49 -9.37 17.45 10.07
N GLY A 50 -8.90 18.37 9.24
CA GLY A 50 -9.49 18.57 7.93
C GLY A 50 -10.90 19.06 8.12
N GLY A 51 -11.65 19.13 7.02
CA GLY A 51 -13.04 19.52 7.07
C GLY A 51 -13.57 19.96 5.72
N GLY A 52 -14.89 20.08 5.62
CA GLY A 52 -15.53 20.43 4.36
C GLY A 52 -15.89 19.20 3.53
N PRO A 53 -16.29 19.41 2.27
CA PRO A 53 -16.59 18.33 1.32
C PRO A 53 -15.38 17.46 1.04
N TRP A 54 -14.22 17.98 1.41
CA TRP A 54 -12.94 17.32 1.14
C TRP A 54 -12.77 15.98 1.85
N ASP A 55 -13.53 15.77 2.92
CA ASP A 55 -13.45 14.52 3.67
C ASP A 55 -13.96 13.36 2.81
N SER A 56 -14.76 13.68 1.81
CA SER A 56 -15.32 12.67 0.89
C SER A 56 -14.38 12.46 -0.30
N VAL A 57 -13.36 13.31 -0.41
CA VAL A 57 -12.42 13.26 -1.52
C VAL A 57 -11.04 12.81 -1.06
N ALA A 58 -10.38 13.65 -0.26
CA ALA A 58 -9.07 13.33 0.30
C ALA A 58 -8.98 13.77 1.76
N ARG A 59 -8.57 12.83 2.63
CA ARG A 59 -8.61 13.05 4.06
C ARG A 59 -7.25 12.77 4.68
N VAL A 60 -6.97 13.46 5.78
CA VAL A 60 -5.71 13.28 6.49
C VAL A 60 -5.86 12.24 7.58
N LEU A 61 -4.95 11.26 7.57
CA LEU A 61 -5.01 10.14 8.51
C LEU A 61 -4.26 10.43 9.82
N PRO A 62 -4.62 9.70 10.88
CA PRO A 62 -4.05 9.94 12.22
C PRO A 62 -2.53 9.88 12.18
N ASN A 63 -2.01 9.17 11.20
CA ASN A 63 -0.57 9.01 11.02
C ASN A 63 0.02 10.03 10.07
N GLY A 64 -0.78 10.99 9.65
CA GLY A 64 -0.28 12.11 8.88
C GLY A 64 -0.34 11.93 7.37
N SER A 65 -0.76 10.75 6.92
CA SER A 65 -0.84 10.49 5.50
C SER A 65 -2.17 10.94 4.89
N LEU A 66 -2.08 11.58 3.74
CA LEU A 66 -3.26 12.01 3.01
C LEU A 66 -3.81 10.81 2.28
N PHE A 67 -5.12 10.74 2.11
CA PHE A 67 -5.75 9.57 1.51
C PHE A 67 -6.94 9.88 0.61
N LEU A 68 -6.98 9.25 -0.56
CA LEU A 68 -8.12 9.32 -1.47
C LEU A 68 -8.75 7.95 -1.74
N PRO A 69 -10.01 7.76 -1.34
CA PRO A 69 -10.67 6.47 -1.49
C PRO A 69 -10.89 6.11 -2.97
N ALA A 70 -11.28 7.10 -3.77
CA ALA A 70 -11.37 6.91 -5.21
C ALA A 70 -10.80 8.12 -5.93
N VAL A 71 -9.74 7.89 -6.68
CA VAL A 71 -9.10 8.94 -7.44
C VAL A 71 -9.74 9.05 -8.82
N GLY A 72 -9.82 10.26 -9.35
CA GLY A 72 -10.46 10.50 -10.64
C GLY A 72 -9.78 11.62 -11.37
N ILE A 73 -10.10 11.78 -12.66
CA ILE A 73 -9.40 12.75 -13.48
C ILE A 73 -9.34 14.08 -12.75
N GLN A 74 -10.38 14.34 -11.98
CA GLN A 74 -10.53 15.59 -11.26
C GLN A 74 -9.40 15.78 -10.25
N ASP A 75 -8.71 14.70 -9.91
CA ASP A 75 -7.67 14.74 -8.89
C ASP A 75 -6.22 14.90 -9.36
N GLU A 76 -5.98 14.86 -10.68
CA GLU A 76 -4.62 15.09 -11.16
C GLU A 76 -4.19 16.46 -10.71
N GLY A 77 -3.05 16.54 -10.04
CA GLY A 77 -2.60 17.81 -9.49
C GLY A 77 -1.30 17.74 -8.70
N ILE A 78 -1.05 18.77 -7.91
CA ILE A 78 0.16 18.85 -7.12
C ILE A 78 -0.16 18.68 -5.64
N PHE A 79 0.66 17.86 -4.98
CA PHE A 79 0.48 17.58 -3.56
C PHE A 79 1.76 17.84 -2.81
N ARG A 80 1.72 18.81 -1.91
CA ARG A 80 2.88 19.12 -1.09
C ARG A 80 2.52 19.03 0.38
N CYS A 81 3.40 18.36 1.14
CA CYS A 81 3.26 18.31 2.59
C CYS A 81 4.47 18.93 3.24
N GLN A 82 4.26 20.05 3.90
CA GLN A 82 5.30 20.66 4.72
C GLN A 82 5.00 20.25 6.16
N ALA A 83 5.89 19.46 6.75
CA ALA A 83 5.61 18.91 8.08
C ALA A 83 6.68 19.26 9.11
N MET A 84 6.27 19.24 10.38
CA MET A 84 7.17 19.55 11.49
C MET A 84 7.38 18.31 12.35
N ASN A 85 8.59 17.76 12.30
CA ASN A 85 8.92 16.56 13.07
C ASN A 85 8.52 16.76 14.53
N ARG A 86 9.24 17.60 15.23
CA ARG A 86 8.84 18.06 16.56
C ARG A 86 8.85 19.58 16.51
N ASN A 87 10.01 20.14 16.83
CA ASN A 87 10.32 21.54 16.58
C ASN A 87 11.82 21.73 16.44
N GLY A 88 12.26 22.58 15.52
CA GLY A 88 11.40 23.08 14.47
C GLY A 88 11.62 22.19 13.26
N LYS A 89 12.04 20.96 13.53
CA LYS A 89 12.48 20.04 12.48
C LYS A 89 11.45 19.99 11.36
N GLU A 90 11.93 20.14 10.13
CA GLU A 90 11.02 20.24 9.00
C GLU A 90 11.51 19.50 7.75
N THR A 91 10.61 18.71 7.17
CA THR A 91 10.86 18.07 5.88
C THR A 91 9.62 18.20 5.01
N LYS A 92 9.82 18.39 3.70
CA LYS A 92 8.69 18.65 2.81
C LYS A 92 8.58 17.63 1.67
N SER A 93 7.45 16.92 1.65
CA SER A 93 7.20 15.87 0.67
C SER A 93 6.57 16.46 -0.59
N ASN A 94 6.95 15.93 -1.75
CA ASN A 94 6.51 16.51 -3.00
C ASN A 94 6.13 15.47 -4.05
N TYR A 95 4.90 15.56 -4.54
CA TYR A 95 4.37 14.57 -5.48
C TYR A 95 3.77 15.23 -6.72
N ARG A 96 3.91 14.55 -7.86
CA ARG A 96 3.29 14.97 -9.11
C ARG A 96 2.38 13.84 -9.56
N VAL A 97 1.12 14.14 -9.82
CA VAL A 97 0.14 13.08 -10.03
C VAL A 97 -0.50 13.01 -11.41
N ARG A 98 -0.20 11.93 -12.12
CA ARG A 98 -0.86 11.59 -13.36
C ARG A 98 -1.77 10.40 -13.09
N VAL A 99 -2.93 10.34 -13.74
CA VAL A 99 -3.81 9.19 -13.58
C VAL A 99 -4.10 8.53 -14.91
N TYR A 100 -4.82 7.40 -14.88
CA TYR A 100 -5.20 6.74 -16.11
C TYR A 100 -6.37 5.77 -15.99
N GLN A 101 -7.01 5.50 -17.11
CA GLN A 101 -8.10 4.54 -17.19
C GLN A 101 -8.00 3.72 -18.47
N ILE A 102 -7.97 2.39 -18.33
CA ILE A 102 -7.80 1.51 -19.47
C ILE A 102 -9.12 1.37 -20.22
N PRO A 103 -9.13 1.80 -21.49
CA PRO A 103 -10.33 1.83 -22.33
C PRO A 103 -10.77 0.43 -22.69
N GLY A 104 -11.99 0.31 -23.18
CA GLY A 104 -12.47 -0.95 -23.73
C GLY A 104 -11.65 -1.32 -24.94
N LYS A 105 -11.52 -2.63 -25.19
CA LYS A 105 -10.73 -3.14 -26.30
C LYS A 105 -11.14 -2.49 -27.61
N PRO A 106 -10.16 -2.30 -28.51
CA PRO A 106 -10.37 -1.59 -29.77
C PRO A 106 -11.23 -2.40 -30.75
N GLU A 107 -11.99 -1.71 -31.59
CA GLU A 107 -12.86 -2.38 -32.56
C GLU A 107 -12.73 -1.75 -33.94
N ILE A 108 -12.66 -2.59 -34.97
CA ILE A 108 -12.76 -2.11 -36.34
C ILE A 108 -14.22 -2.17 -36.76
N VAL A 109 -14.73 -1.07 -37.29
CA VAL A 109 -16.09 -1.04 -37.83
C VAL A 109 -16.06 -0.58 -39.30
N ASP A 110 -17.03 -1.04 -40.07
CA ASP A 110 -17.07 -0.69 -41.49
C ASP A 110 -15.87 -1.29 -42.21
N SER A 111 -15.38 -2.42 -41.71
CA SER A 111 -14.25 -3.11 -42.32
C SER A 111 -14.65 -3.76 -43.63
N ALA A 112 -13.69 -3.89 -44.56
CA ALA A 112 -13.98 -4.43 -45.89
C ALA A 112 -13.81 -5.95 -45.98
N SER A 113 -14.81 -6.60 -46.59
CA SER A 113 -14.74 -8.01 -46.91
C SER A 113 -13.96 -8.22 -48.20
N GLU A 114 -14.25 -7.37 -49.17
CA GLU A 114 -13.56 -7.36 -50.45
C GLU A 114 -12.94 -6.01 -50.63
N LEU A 115 -11.95 -5.94 -51.50
CA LEU A 115 -11.42 -4.66 -51.92
C LEU A 115 -10.68 -4.80 -53.23
N THR A 116 -10.48 -3.68 -53.90
CA THR A 116 -9.99 -3.68 -55.26
C THR A 116 -8.64 -2.99 -55.35
N ALA A 117 -7.73 -3.59 -56.12
CA ALA A 117 -6.36 -3.08 -56.25
C ALA A 117 -6.27 -1.84 -57.13
N GLY A 118 -5.20 -1.07 -56.94
CA GLY A 118 -4.91 0.09 -57.76
C GLY A 118 -5.60 1.37 -57.35
N VAL A 119 -6.54 1.27 -56.41
CA VAL A 119 -7.26 2.45 -55.94
C VAL A 119 -7.55 2.34 -54.44
N PRO A 120 -8.14 3.39 -53.86
CA PRO A 120 -8.45 3.35 -52.42
C PRO A 120 -9.67 2.49 -52.06
N ASN A 121 -9.65 1.97 -50.84
CA ASN A 121 -10.76 1.20 -50.29
C ASN A 121 -10.97 1.61 -48.85
N LYS A 122 -12.17 1.39 -48.33
CA LYS A 122 -12.40 1.63 -46.91
C LYS A 122 -12.09 0.32 -46.21
N VAL A 123 -10.99 0.31 -45.46
CA VAL A 123 -10.56 -0.90 -44.79
C VAL A 123 -11.37 -1.13 -43.53
N GLY A 124 -11.62 -0.04 -42.81
CA GLY A 124 -12.43 -0.08 -41.60
C GLY A 124 -12.10 1.07 -40.68
N THR A 125 -12.86 1.22 -39.61
CA THR A 125 -12.62 2.27 -38.63
C THR A 125 -12.40 1.66 -37.25
N CYS A 126 -11.17 1.77 -36.76
CA CYS A 126 -10.82 1.24 -35.44
C CYS A 126 -11.28 2.21 -34.37
N VAL A 127 -12.04 1.70 -33.40
CA VAL A 127 -12.72 2.56 -32.44
C VAL A 127 -12.51 2.12 -30.99
N SER A 128 -11.97 3.04 -30.19
CA SER A 128 -11.68 2.78 -28.78
C SER A 128 -12.61 3.59 -27.87
N GLU A 129 -12.89 3.05 -26.69
CA GLU A 129 -13.82 3.71 -25.78
C GLU A 129 -13.37 3.65 -24.31
N GLY A 130 -13.51 4.77 -23.61
CA GLY A 130 -13.29 4.83 -22.18
C GLY A 130 -11.84 4.93 -21.72
N SER A 131 -11.07 5.79 -22.37
CA SER A 131 -9.64 5.90 -22.07
C SER A 131 -9.25 7.22 -21.45
N TYR A 132 -8.40 7.18 -20.43
CA TYR A 132 -7.69 8.37 -19.99
C TYR A 132 -6.30 8.00 -19.54
N PRO A 133 -5.30 8.84 -19.88
CA PRO A 133 -5.53 9.88 -20.88
C PRO A 133 -5.85 9.24 -22.20
N ALA A 134 -6.15 10.03 -23.23
CA ALA A 134 -6.68 9.51 -24.49
C ALA A 134 -5.79 8.45 -25.16
N GLY A 135 -4.54 8.79 -25.42
CA GLY A 135 -3.61 7.85 -26.06
C GLY A 135 -3.66 7.88 -27.59
N THR A 136 -3.07 6.87 -28.21
CA THR A 136 -2.96 6.84 -29.67
C THR A 136 -3.50 5.55 -30.27
N LEU A 137 -3.90 5.64 -31.54
CA LEU A 137 -4.33 4.48 -32.32
C LEU A 137 -3.43 4.28 -33.54
N SER A 138 -3.07 3.04 -33.81
CA SER A 138 -2.24 2.76 -34.97
C SER A 138 -2.78 1.55 -35.70
N TRP A 139 -2.35 1.39 -36.94
CA TRP A 139 -2.71 0.22 -37.74
C TRP A 139 -1.45 -0.51 -38.14
N HIS A 140 -1.63 -1.77 -38.53
CA HIS A 140 -0.51 -2.59 -38.95
C HIS A 140 -1.00 -3.57 -40.01
N LEU A 141 -0.11 -3.95 -40.92
CA LEU A 141 -0.43 -4.92 -41.95
C LEU A 141 0.47 -6.14 -41.82
N ASP A 142 -0.16 -7.29 -41.55
CA ASP A 142 0.57 -8.55 -41.46
C ASP A 142 1.81 -8.42 -40.59
N GLY A 143 1.63 -7.87 -39.40
CA GLY A 143 2.69 -7.79 -38.42
C GLY A 143 3.40 -6.44 -38.32
N LYS A 144 3.33 -5.65 -39.38
CA LYS A 144 4.06 -4.39 -39.41
C LYS A 144 3.11 -3.21 -39.51
N PRO A 145 3.42 -2.12 -38.78
CA PRO A 145 2.59 -0.91 -38.70
C PRO A 145 2.68 -0.05 -39.95
N LEU A 146 1.67 0.80 -40.15
CA LEU A 146 1.57 1.60 -41.38
C LEU A 146 1.66 3.11 -41.12
N VAL A 147 2.07 3.86 -42.15
CA VAL A 147 2.22 5.31 -42.06
C VAL A 147 1.50 6.04 -43.19
N PRO A 148 0.86 7.17 -42.88
CA PRO A 148 0.13 7.97 -43.87
C PRO A 148 1.05 8.64 -44.89
N ASN A 149 0.46 9.12 -45.98
CA ASN A 149 1.13 10.02 -46.91
C ASN A 149 2.14 9.26 -47.76
N GLU A 150 2.44 8.04 -47.35
CA GLU A 150 3.37 7.20 -48.06
C GLU A 150 2.62 6.30 -49.01
N LYS A 151 2.94 6.39 -50.30
CA LYS A 151 2.32 5.54 -51.31
C LYS A 151 0.82 5.37 -51.10
N GLY A 152 0.08 6.46 -51.20
CA GLY A 152 -1.36 6.42 -51.09
C GLY A 152 -1.89 5.77 -49.82
N VAL A 153 -1.44 6.24 -48.67
CA VAL A 153 -1.89 5.73 -47.38
C VAL A 153 -2.36 6.87 -46.50
N SER A 154 -3.64 6.86 -46.10
CA SER A 154 -4.20 7.99 -45.35
C SER A 154 -5.05 7.58 -44.13
N VAL A 155 -5.35 8.55 -43.27
CA VAL A 155 -6.16 8.32 -42.08
C VAL A 155 -7.09 9.46 -41.68
N LYS A 156 -8.32 9.12 -41.31
CA LYS A 156 -9.24 10.09 -40.72
C LYS A 156 -9.47 9.74 -39.24
N GLU A 157 -8.83 10.48 -38.35
CA GLU A 157 -8.91 10.18 -36.94
C GLU A 157 -9.57 11.30 -36.14
N GLN A 158 -10.06 10.93 -34.97
CA GLN A 158 -10.74 11.87 -34.11
C GLN A 158 -10.69 11.37 -32.66
N THR A 159 -10.97 12.28 -31.73
CA THR A 159 -11.02 11.94 -30.31
C THR A 159 -12.21 12.67 -29.68
N ARG A 160 -12.91 12.00 -28.77
CA ARG A 160 -14.09 12.59 -28.13
C ARG A 160 -14.15 12.22 -26.65
N ARG A 161 -14.40 13.20 -25.80
CA ARG A 161 -14.45 12.95 -24.36
C ARG A 161 -15.88 12.84 -23.86
N HIS A 162 -16.26 11.66 -23.40
CA HIS A 162 -17.59 11.49 -22.81
C HIS A 162 -17.74 12.51 -21.69
N PRO A 163 -18.81 13.31 -21.75
CA PRO A 163 -19.04 14.46 -20.87
C PRO A 163 -19.11 14.04 -19.41
N GLU A 164 -19.91 13.01 -19.14
CA GLU A 164 -20.10 12.53 -17.78
C GLU A 164 -18.77 12.17 -17.14
N THR A 165 -18.12 11.15 -17.70
CA THR A 165 -16.94 10.56 -17.12
C THR A 165 -15.65 11.35 -17.36
N GLY A 166 -15.50 11.91 -18.56
CA GLY A 166 -14.30 12.64 -18.90
C GLY A 166 -13.28 11.79 -19.65
N LEU A 167 -13.59 10.51 -19.82
CA LEU A 167 -12.73 9.60 -20.58
C LEU A 167 -12.84 9.89 -22.06
N PHE A 168 -12.11 9.13 -22.89
CA PHE A 168 -12.02 9.45 -24.31
C PHE A 168 -12.40 8.32 -25.26
N THR A 169 -12.86 8.70 -26.45
CA THR A 169 -13.20 7.77 -27.52
C THR A 169 -12.47 8.16 -28.81
N LEU A 170 -11.57 7.31 -29.27
CA LEU A 170 -10.78 7.61 -30.47
C LEU A 170 -11.28 6.80 -31.65
N GLN A 171 -11.49 7.47 -32.78
CA GLN A 171 -11.85 6.80 -34.02
C GLN A 171 -10.72 6.90 -35.03
N SER A 172 -10.38 5.79 -35.66
CA SER A 172 -9.40 5.78 -36.73
C SER A 172 -9.91 4.98 -37.91
N GLU A 173 -10.07 5.64 -39.04
CA GLU A 173 -10.58 4.99 -40.24
C GLU A 173 -9.45 4.79 -41.25
N LEU A 174 -9.15 3.53 -41.56
CA LEU A 174 -8.02 3.20 -42.42
C LEU A 174 -8.38 3.15 -43.89
N MET A 175 -7.49 3.69 -44.72
CA MET A 175 -7.68 3.69 -46.16
C MET A 175 -6.34 3.54 -46.89
N VAL A 176 -6.33 2.70 -47.93
CA VAL A 176 -5.11 2.43 -48.68
C VAL A 176 -5.38 2.15 -50.15
N THR A 177 -4.38 2.39 -51.01
CA THR A 177 -4.46 1.97 -52.39
C THR A 177 -3.55 0.76 -52.57
N PRO A 178 -4.15 -0.44 -52.66
CA PRO A 178 -3.40 -1.69 -52.77
C PRO A 178 -2.56 -1.72 -54.03
N ALA A 179 -1.32 -2.18 -53.90
CA ALA A 179 -0.49 -2.40 -55.07
C ALA A 179 -1.07 -3.56 -55.85
N ARG A 180 -1.04 -3.46 -57.18
CA ARG A 180 -1.47 -4.57 -58.03
C ARG A 180 -0.34 -5.59 -58.10
N GLY A 181 -0.65 -6.81 -57.67
CA GLY A 181 0.35 -7.86 -57.54
C GLY A 181 0.73 -8.21 -56.11
N GLY A 182 0.09 -7.58 -55.13
CA GLY A 182 0.42 -7.80 -53.73
C GLY A 182 -0.26 -9.01 -53.12
N ASP A 183 -0.42 -8.97 -51.80
CA ASP A 183 -1.01 -10.07 -51.04
C ASP A 183 -2.54 -9.99 -51.09
N PRO A 184 -3.16 -10.92 -51.81
CA PRO A 184 -4.62 -11.03 -51.97
C PRO A 184 -5.34 -11.43 -50.68
N ARG A 185 -4.58 -11.90 -49.68
CA ARG A 185 -5.17 -12.28 -48.41
C ARG A 185 -4.48 -11.59 -47.26
N PRO A 186 -4.49 -10.24 -47.28
CA PRO A 186 -3.74 -9.44 -46.31
C PRO A 186 -4.49 -9.39 -45.00
N THR A 187 -3.75 -9.25 -43.91
CA THR A 187 -4.34 -9.15 -42.58
C THR A 187 -4.01 -7.79 -42.00
N PHE A 188 -5.05 -7.07 -41.57
CA PHE A 188 -4.86 -5.77 -40.94
C PHE A 188 -5.31 -5.80 -39.50
N SER A 189 -4.74 -4.94 -38.67
CA SER A 189 -5.22 -4.76 -37.31
C SER A 189 -4.97 -3.32 -36.81
N CYS A 190 -5.65 -2.96 -35.72
CA CYS A 190 -5.45 -1.67 -35.09
C CYS A 190 -4.98 -1.94 -33.67
N SER A 191 -4.28 -0.98 -33.08
CA SER A 191 -3.80 -1.14 -31.72
C SER A 191 -3.92 0.16 -30.96
N PHE A 192 -4.33 0.05 -29.71
CA PHE A 192 -4.37 1.20 -28.83
C PHE A 192 -3.09 1.27 -28.03
N SER A 193 -2.29 2.30 -28.30
CA SER A 193 -1.07 2.56 -27.56
C SER A 193 -1.34 3.64 -26.52
N PRO A 194 -1.51 3.22 -25.27
CA PRO A 194 -1.89 4.13 -24.18
C PRO A 194 -0.93 5.31 -24.02
N GLY A 195 -1.42 6.40 -23.44
CA GLY A 195 -0.58 7.56 -23.17
C GLY A 195 0.51 7.24 -22.16
N LEU A 196 0.10 6.76 -21.00
CA LEU A 196 1.06 6.33 -19.99
C LEU A 196 1.39 4.87 -20.22
N PRO A 197 2.69 4.55 -20.42
CA PRO A 197 3.11 3.21 -20.83
C PRO A 197 2.95 2.21 -19.69
N ARG A 198 1.75 2.24 -19.12
CA ARG A 198 1.39 1.45 -17.96
C ARG A 198 1.28 0.00 -18.39
N HIS A 199 0.50 -0.21 -19.44
CA HIS A 199 0.25 -1.53 -19.97
C HIS A 199 0.74 -1.56 -21.40
N ARG A 200 0.85 -2.77 -21.95
CA ARG A 200 1.26 -2.90 -23.33
C ARG A 200 0.06 -2.54 -24.18
N ALA A 201 0.26 -2.44 -25.48
CA ALA A 201 -0.78 -1.96 -26.37
C ALA A 201 -1.88 -3.01 -26.51
N LEU A 202 -3.04 -2.58 -26.97
CA LEU A 202 -4.15 -3.50 -27.22
C LEU A 202 -4.50 -3.48 -28.69
N ARG A 203 -4.69 -4.66 -29.25
CA ARG A 203 -4.83 -4.78 -30.70
C ARG A 203 -6.15 -5.42 -31.06
N THR A 204 -6.81 -4.88 -32.08
CA THR A 204 -8.04 -5.45 -32.60
C THR A 204 -7.74 -6.81 -33.20
N ALA A 205 -8.76 -7.63 -33.35
CA ALA A 205 -8.66 -8.83 -34.15
C ALA A 205 -8.37 -8.41 -35.58
N PRO A 206 -7.86 -9.34 -36.41
CA PRO A 206 -7.44 -8.90 -37.74
C PRO A 206 -8.62 -8.80 -38.69
N ILE A 207 -8.36 -8.34 -39.91
CA ILE A 207 -9.36 -8.38 -40.97
C ILE A 207 -8.66 -8.77 -42.27
N GLN A 208 -9.16 -9.80 -42.92
CA GLN A 208 -8.48 -10.35 -44.07
C GLN A 208 -9.37 -10.27 -45.29
N PRO A 209 -9.62 -9.05 -45.78
CA PRO A 209 -10.52 -8.94 -46.93
C PRO A 209 -9.87 -9.57 -48.12
N ARG A 210 -10.59 -9.70 -49.22
CA ARG A 210 -10.05 -10.29 -50.44
C ARG A 210 -9.80 -9.23 -51.51
N VAL A 211 -8.55 -9.09 -51.93
CA VAL A 211 -8.19 -8.14 -52.97
C VAL A 211 -8.70 -8.68 -54.29
N TRP A 212 -9.54 -7.90 -54.96
CA TRP A 212 -10.09 -8.35 -56.24
C TRP A 212 -9.53 -7.49 -57.35
N GLU A 213 -9.87 -7.87 -58.58
CA GLU A 213 -9.21 -7.30 -59.74
C GLU A 213 -10.10 -6.54 -60.70
N PRO A 214 -9.78 -5.25 -60.90
CA PRO A 214 -10.45 -4.36 -61.84
C PRO A 214 -10.04 -4.66 -63.29
N VAL A 215 -10.51 -3.85 -64.24
CA VAL A 215 -10.12 -3.99 -65.65
C VAL A 215 -9.99 -2.62 -66.31
N VAL B 3 -6.82 -22.27 8.84
CA VAL B 3 -7.93 -21.72 8.08
C VAL B 3 -7.48 -21.38 6.65
N ASP B 4 -8.43 -21.26 5.74
CA ASP B 4 -8.15 -20.78 4.39
C ASP B 4 -7.57 -19.38 4.54
N ALA B 5 -7.69 -18.85 5.76
CA ALA B 5 -7.20 -17.52 6.10
C ALA B 5 -5.72 -17.32 5.83
N GLN B 6 -5.41 -16.27 5.08
CA GLN B 6 -4.03 -15.84 4.90
C GLN B 6 -3.64 -14.96 6.09
N ASN B 7 -2.34 -14.79 6.32
CA ASN B 7 -1.87 -14.03 7.46
C ASN B 7 -1.42 -12.61 7.11
N ILE B 8 -1.94 -11.62 7.83
CA ILE B 8 -1.53 -10.25 7.64
C ILE B 8 -1.09 -9.69 8.97
N THR B 9 -0.01 -8.92 8.97
CA THR B 9 0.57 -8.35 10.19
C THR B 9 0.93 -6.87 10.01
N ALA B 10 0.37 -6.01 10.84
CA ALA B 10 0.55 -4.56 10.67
C ALA B 10 1.06 -3.84 11.90
N ARG B 11 1.76 -2.73 11.69
CA ARG B 11 2.22 -1.92 12.80
C ARG B 11 1.10 -1.08 13.35
N ILE B 12 1.08 -0.92 14.67
CA ILE B 12 0.03 -0.19 15.35
C ILE B 12 0.05 1.30 15.04
N GLY B 13 -1.08 1.82 14.59
CA GLY B 13 -1.21 3.22 14.24
C GLY B 13 -1.28 3.51 12.74
N GLU B 14 -0.82 2.55 11.94
CA GLU B 14 -0.80 2.71 10.49
C GLU B 14 -2.10 2.20 9.85
N PRO B 15 -2.43 2.74 8.67
CA PRO B 15 -3.66 2.33 7.98
C PRO B 15 -3.45 0.99 7.32
N LEU B 16 -4.52 0.19 7.26
CA LEU B 16 -4.48 -1.03 6.49
C LEU B 16 -5.60 -1.03 5.47
N VAL B 17 -5.38 -1.75 4.37
CA VAL B 17 -6.38 -1.89 3.32
C VAL B 17 -6.45 -3.32 2.81
N LEU B 18 -7.64 -3.91 2.86
CA LEU B 18 -7.81 -5.29 2.47
C LEU B 18 -8.57 -5.44 1.16
N LYS B 19 -8.08 -6.31 0.29
CA LYS B 19 -8.65 -6.48 -1.03
C LYS B 19 -9.83 -7.45 -1.05
N CYS B 20 -10.89 -7.08 -1.75
CA CYS B 20 -12.00 -7.99 -1.98
C CYS B 20 -11.75 -8.69 -3.31
N LYS B 21 -11.52 -10.00 -3.25
CA LYS B 21 -11.15 -10.77 -4.43
C LYS B 21 -12.28 -10.85 -5.46
N GLY B 22 -11.97 -10.43 -6.69
CA GLY B 22 -12.90 -10.54 -7.79
C GLY B 22 -14.15 -9.69 -7.64
N ALA B 23 -13.95 -8.40 -7.38
CA ALA B 23 -15.07 -7.49 -7.18
C ALA B 23 -15.13 -6.41 -8.26
N PRO B 24 -16.33 -5.88 -8.53
CA PRO B 24 -16.46 -4.73 -9.41
C PRO B 24 -15.52 -3.64 -8.92
N LYS B 25 -14.78 -3.02 -9.84
CA LYS B 25 -13.78 -2.04 -9.46
C LYS B 25 -14.44 -0.72 -9.13
N LYS B 26 -15.57 -0.46 -9.79
CA LYS B 26 -16.37 0.73 -9.52
C LYS B 26 -17.71 0.29 -8.96
N PRO B 27 -18.33 1.14 -8.12
CA PRO B 27 -19.70 0.80 -7.74
C PRO B 27 -20.61 0.93 -8.98
N PRO B 28 -21.89 0.53 -8.85
CA PRO B 28 -22.39 -0.15 -7.65
C PRO B 28 -21.87 -1.59 -7.55
N GLN B 29 -21.52 -2.01 -6.34
CA GLN B 29 -20.92 -3.33 -6.12
C GLN B 29 -21.69 -4.10 -5.05
N ARG B 30 -21.78 -5.41 -5.20
CA ARG B 30 -22.35 -6.21 -4.14
C ARG B 30 -21.30 -7.05 -3.45
N LEU B 31 -20.95 -6.64 -2.24
CA LEU B 31 -20.03 -7.37 -1.39
C LEU B 31 -20.29 -7.02 0.06
N GLU B 32 -20.06 -7.97 0.96
CA GLU B 32 -20.21 -7.68 2.37
C GLU B 32 -19.09 -8.31 3.21
N TRP B 33 -18.43 -7.46 3.98
CA TRP B 33 -17.35 -7.89 4.85
C TRP B 33 -17.89 -8.49 6.14
N LYS B 34 -17.14 -9.45 6.68
CA LYS B 34 -17.47 -10.09 7.93
C LYS B 34 -16.22 -10.16 8.76
N LEU B 35 -16.27 -9.64 9.99
CA LEU B 35 -15.07 -9.64 10.82
C LEU B 35 -15.36 -9.79 12.31
N ASN B 36 -14.81 -10.83 12.92
CA ASN B 36 -14.87 -10.99 14.35
C ASN B 36 -13.53 -10.58 14.91
N THR B 37 -13.54 -9.57 15.76
CA THR B 37 -12.30 -9.07 16.33
C THR B 37 -12.58 -8.47 17.71
N GLY B 38 -11.56 -7.78 18.23
CA GLY B 38 -11.67 -7.10 19.51
C GLY B 38 -12.82 -6.12 19.57
N ARG B 39 -13.01 -5.35 18.52
CA ARG B 39 -14.07 -4.34 18.54
C ARG B 39 -15.43 -4.96 18.27
N THR B 40 -15.48 -5.94 17.37
CA THR B 40 -16.74 -6.60 17.06
C THR B 40 -17.17 -7.40 18.26
N GLU B 41 -18.42 -7.26 18.65
CA GLU B 41 -18.92 -8.07 19.74
C GLU B 41 -18.77 -9.50 19.29
N ALA B 42 -19.42 -9.86 18.20
CA ALA B 42 -19.22 -11.18 17.60
C ALA B 42 -18.83 -11.06 16.15
N TRP B 43 -19.80 -10.76 15.31
CA TRP B 43 -19.57 -10.67 13.88
C TRP B 43 -20.19 -9.40 13.34
N LYS B 44 -19.36 -8.49 12.86
CA LYS B 44 -19.90 -7.30 12.23
C LYS B 44 -19.82 -7.39 10.72
N VAL B 45 -20.95 -7.11 10.08
CA VAL B 45 -21.04 -7.18 8.63
C VAL B 45 -21.06 -5.77 8.06
N LEU B 46 -20.15 -5.50 7.13
CA LEU B 46 -20.00 -4.14 6.59
C LEU B 46 -20.32 -4.07 5.10
N SER B 47 -20.90 -2.94 4.68
CA SER B 47 -21.40 -2.77 3.32
C SER B 47 -20.76 -1.60 2.61
N PRO B 48 -20.85 -1.58 1.27
CA PRO B 48 -20.28 -0.48 0.47
C PRO B 48 -20.81 0.88 0.93
N GLN B 49 -22.03 0.89 1.46
CA GLN B 49 -22.64 2.12 1.95
C GLN B 49 -22.12 2.51 3.32
N GLY B 50 -21.74 1.49 4.10
CA GLY B 50 -21.33 1.70 5.47
C GLY B 50 -22.47 2.35 6.24
N GLY B 51 -22.15 3.43 6.96
CA GLY B 51 -23.17 4.24 7.59
C GLY B 51 -23.30 4.19 9.10
N GLY B 52 -22.61 3.24 9.74
CA GLY B 52 -22.64 3.18 11.19
C GLY B 52 -21.62 4.10 11.83
N PRO B 53 -21.28 3.84 13.10
CA PRO B 53 -20.12 4.45 13.76
C PRO B 53 -18.81 3.97 13.17
N TRP B 54 -18.88 2.89 12.37
CA TRP B 54 -17.70 2.27 11.76
C TRP B 54 -17.12 3.04 10.58
N ASP B 55 -17.80 4.09 10.12
CA ASP B 55 -17.34 4.85 8.96
C ASP B 55 -16.07 5.65 9.28
N SER B 56 -15.84 5.90 10.56
CA SER B 56 -14.61 6.56 11.02
C SER B 56 -13.59 5.51 11.45
N VAL B 57 -13.94 4.24 11.28
CA VAL B 57 -13.10 3.13 11.68
C VAL B 57 -12.86 2.19 10.49
N ALA B 58 -13.92 1.53 10.04
CA ALA B 58 -13.83 0.65 8.88
C ALA B 58 -14.88 0.99 7.83
N ARG B 59 -14.44 1.41 6.66
CA ARG B 59 -15.35 1.77 5.58
C ARG B 59 -14.94 1.13 4.26
N VAL B 60 -15.88 0.41 3.65
CA VAL B 60 -15.65 -0.16 2.32
C VAL B 60 -15.41 0.93 1.29
N LEU B 61 -14.34 0.79 0.52
CA LEU B 61 -13.98 1.77 -0.50
C LEU B 61 -14.79 1.62 -1.78
N PRO B 62 -14.77 2.65 -2.63
CA PRO B 62 -15.64 2.59 -3.81
C PRO B 62 -15.28 1.38 -4.65
N ASN B 63 -14.03 0.96 -4.55
CA ASN B 63 -13.52 -0.13 -5.36
C ASN B 63 -13.68 -1.48 -4.66
N GLY B 64 -14.33 -1.47 -3.51
CA GLY B 64 -14.67 -2.71 -2.85
C GLY B 64 -13.75 -3.11 -1.70
N SER B 65 -12.54 -2.59 -1.69
CA SER B 65 -11.61 -2.95 -0.62
C SER B 65 -12.12 -2.43 0.71
N LEU B 66 -11.61 -3.01 1.80
CA LEU B 66 -11.94 -2.55 3.15
C LEU B 66 -10.85 -1.64 3.69
N PHE B 67 -11.26 -0.51 4.27
CA PHE B 67 -10.30 0.51 4.66
C PHE B 67 -10.33 0.89 6.16
N LEU B 68 -9.17 0.83 6.79
CA LEU B 68 -8.99 1.27 8.18
C LEU B 68 -7.99 2.40 8.27
N PRO B 69 -8.43 3.60 8.72
CA PRO B 69 -7.61 4.81 8.76
C PRO B 69 -6.30 4.63 9.55
N ALA B 70 -6.40 4.05 10.75
CA ALA B 70 -5.22 3.66 11.50
C ALA B 70 -5.57 2.48 12.37
N VAL B 71 -4.66 1.53 12.46
CA VAL B 71 -4.91 0.32 13.25
C VAL B 71 -4.78 0.54 14.76
N GLY B 72 -5.38 -0.37 15.52
CA GLY B 72 -5.26 -0.37 16.97
C GLY B 72 -5.38 -1.80 17.43
N ILE B 73 -4.92 -2.09 18.64
CA ILE B 73 -4.89 -3.47 19.09
C ILE B 73 -6.23 -4.16 18.89
N GLN B 74 -7.31 -3.44 19.21
CA GLN B 74 -8.64 -4.03 19.20
C GLN B 74 -8.98 -4.55 17.81
N ASP B 75 -8.17 -4.14 16.83
CA ASP B 75 -8.46 -4.48 15.44
C ASP B 75 -7.95 -5.86 15.04
N GLU B 76 -7.32 -6.56 15.96
CA GLU B 76 -6.84 -7.91 15.67
C GLU B 76 -7.99 -8.92 15.60
N GLY B 77 -7.98 -9.72 14.54
CA GLY B 77 -9.05 -10.68 14.33
C GLY B 77 -9.00 -11.30 12.95
N ILE B 78 -10.14 -11.79 12.48
CA ILE B 78 -10.22 -12.34 11.14
C ILE B 78 -11.12 -11.47 10.29
N PHE B 79 -10.79 -11.38 9.00
CA PHE B 79 -11.57 -10.55 8.08
C PHE B 79 -11.87 -11.27 6.79
N ARG B 80 -13.14 -11.27 6.41
CA ARG B 80 -13.57 -12.00 5.24
C ARG B 80 -14.50 -11.16 4.39
N CYS B 81 -14.50 -11.45 3.09
CA CYS B 81 -15.37 -10.76 2.16
C CYS B 81 -16.04 -11.75 1.23
N GLN B 82 -17.24 -11.41 0.80
CA GLN B 82 -17.95 -12.17 -0.21
C GLN B 82 -18.47 -11.21 -1.27
N ALA B 83 -18.00 -11.38 -2.50
CA ALA B 83 -18.43 -10.53 -3.59
C ALA B 83 -19.02 -11.37 -4.73
N MET B 84 -19.82 -10.74 -5.57
CA MET B 84 -20.34 -11.41 -6.75
C MET B 84 -19.81 -10.79 -8.04
N ASN B 85 -19.09 -11.60 -8.80
CA ASN B 85 -18.57 -11.20 -10.09
C ASN B 85 -19.67 -11.52 -11.10
N ARG B 86 -20.22 -10.47 -11.69
CA ARG B 86 -21.44 -10.60 -12.47
C ARG B 86 -21.15 -11.23 -13.82
N ASN B 87 -21.79 -12.37 -14.09
CA ASN B 87 -22.63 -13.05 -13.09
C ASN B 87 -22.64 -14.53 -13.43
N GLY B 88 -22.88 -15.40 -12.46
CA GLY B 88 -23.09 -15.02 -11.07
C GLY B 88 -21.83 -15.26 -10.26
N LYS B 89 -20.69 -15.21 -10.93
CA LYS B 89 -19.42 -15.64 -10.35
C LYS B 89 -19.25 -15.03 -8.96
N GLU B 90 -18.73 -15.82 -8.03
CA GLU B 90 -18.67 -15.44 -6.63
C GLU B 90 -17.32 -15.78 -6.02
N THR B 91 -16.73 -14.85 -5.26
CA THR B 91 -15.37 -15.03 -4.74
C THR B 91 -15.21 -14.73 -3.24
N LYS B 92 -14.17 -15.31 -2.64
CA LYS B 92 -13.99 -15.22 -1.19
C LYS B 92 -12.65 -14.62 -0.79
N SER B 93 -12.56 -14.21 0.47
CA SER B 93 -11.30 -13.80 1.07
C SER B 93 -11.26 -14.21 2.52
N ASN B 94 -10.11 -14.69 2.96
CA ASN B 94 -9.93 -15.04 4.36
C ASN B 94 -8.63 -14.47 4.90
N TYR B 95 -8.74 -13.56 5.85
CA TYR B 95 -7.58 -12.83 6.36
C TYR B 95 -7.43 -12.94 7.85
N ARG B 96 -6.25 -13.35 8.30
CA ARG B 96 -5.92 -13.28 9.71
C ARG B 96 -5.04 -12.06 9.86
N VAL B 97 -5.40 -11.19 10.80
CA VAL B 97 -4.66 -9.95 10.99
C VAL B 97 -4.15 -9.76 12.40
N ARG B 98 -2.84 -9.63 12.52
CA ARG B 98 -2.23 -9.37 13.81
C ARG B 98 -1.48 -8.06 13.70
N VAL B 99 -1.17 -7.47 14.84
CA VAL B 99 -0.44 -6.20 14.83
C VAL B 99 0.65 -6.17 15.88
N TYR B 100 1.40 -5.07 15.89
CA TYR B 100 2.53 -4.99 16.77
C TYR B 100 2.93 -3.56 17.07
N GLN B 101 3.60 -3.38 18.20
CA GLN B 101 4.22 -2.10 18.49
C GLN B 101 5.63 -2.33 19.02
N ILE B 102 6.49 -1.35 18.78
CA ILE B 102 7.88 -1.45 19.18
C ILE B 102 8.20 -0.49 20.31
N PRO B 103 8.65 -1.05 21.43
CA PRO B 103 8.95 -0.31 22.66
C PRO B 103 10.23 0.47 22.44
N GLY B 104 10.48 1.46 23.28
CA GLY B 104 11.74 2.18 23.22
C GLY B 104 12.90 1.25 23.53
N LYS B 105 14.12 1.71 23.28
CA LYS B 105 15.31 0.92 23.61
C LYS B 105 15.30 0.58 25.10
N PRO B 106 15.48 -0.68 25.43
CA PRO B 106 15.41 -1.13 26.82
C PRO B 106 16.42 -0.37 27.66
N GLU B 107 16.11 -0.15 28.93
CA GLU B 107 16.98 0.60 29.81
C GLU B 107 17.43 -0.31 30.94
N ILE B 108 18.53 0.04 31.59
CA ILE B 108 18.98 -0.70 32.76
C ILE B 108 18.79 0.19 33.99
N VAL B 109 18.57 -0.44 35.13
CA VAL B 109 18.38 0.28 36.39
C VAL B 109 18.84 -0.60 37.56
N ASP B 110 19.04 0.00 38.73
CA ASP B 110 19.46 -0.77 39.90
C ASP B 110 20.64 -1.66 39.56
N SER B 111 21.59 -1.11 38.81
CA SER B 111 22.76 -1.87 38.34
C SER B 111 23.93 -1.77 39.29
N ALA B 112 24.49 -2.92 39.67
CA ALA B 112 25.56 -2.98 40.66
C ALA B 112 26.75 -2.11 40.29
N SER B 113 27.18 -1.26 41.22
CA SER B 113 28.39 -0.46 41.05
C SER B 113 29.54 -1.45 40.86
N GLU B 114 29.65 -2.35 41.82
CA GLU B 114 30.56 -3.49 41.73
C GLU B 114 29.89 -4.61 42.48
N LEU B 115 30.15 -5.84 42.06
CA LEU B 115 29.63 -6.99 42.76
C LEU B 115 30.77 -7.94 43.05
N THR B 116 30.50 -8.89 43.95
CA THR B 116 31.56 -9.74 44.48
C THR B 116 31.34 -11.21 44.13
N ALA B 117 32.41 -11.99 44.11
CA ALA B 117 32.37 -13.36 43.60
C ALA B 117 31.93 -14.39 44.65
N GLY B 118 31.80 -15.63 44.20
CA GLY B 118 31.46 -16.75 45.07
C GLY B 118 30.04 -16.74 45.60
N VAL B 119 29.32 -15.65 45.35
CA VAL B 119 27.95 -15.47 45.82
C VAL B 119 27.05 -14.78 44.81
N PRO B 120 25.73 -14.83 45.04
CA PRO B 120 24.77 -14.08 44.23
C PRO B 120 24.97 -12.57 44.36
N ASN B 121 24.55 -11.81 43.35
CA ASN B 121 24.63 -10.35 43.37
C ASN B 121 23.46 -9.79 42.60
N LYS B 122 23.00 -8.61 42.97
CA LYS B 122 21.95 -7.98 42.18
C LYS B 122 22.66 -7.15 41.13
N VAL B 123 22.57 -7.61 39.89
CA VAL B 123 23.26 -6.95 38.80
C VAL B 123 22.48 -5.76 38.26
N GLY B 124 21.16 -5.87 38.22
CA GLY B 124 20.31 -4.78 37.74
C GLY B 124 18.99 -5.23 37.13
N THR B 125 18.31 -4.30 36.46
CA THR B 125 17.04 -4.61 35.82
C THR B 125 16.84 -3.90 34.47
N CYS B 126 16.48 -4.67 33.44
CA CYS B 126 16.14 -4.12 32.13
C CYS B 126 14.68 -3.67 32.12
N VAL B 127 14.37 -2.62 31.37
CA VAL B 127 13.00 -2.16 31.26
C VAL B 127 12.66 -1.73 29.84
N SER B 128 11.58 -2.27 29.29
CA SER B 128 11.14 -1.89 27.95
C SER B 128 9.66 -1.52 27.96
N GLU B 129 9.34 -0.35 27.44
CA GLU B 129 7.95 0.10 27.47
C GLU B 129 7.38 0.43 26.10
N GLY B 130 6.13 0.02 25.88
CA GLY B 130 5.43 0.31 24.64
C GLY B 130 5.56 -0.77 23.60
N SER B 131 5.79 -2.01 24.03
CA SER B 131 6.00 -3.11 23.10
C SER B 131 4.75 -3.93 22.86
N TYR B 132 4.51 -4.30 21.61
CA TYR B 132 3.47 -5.26 21.32
C TYR B 132 3.84 -6.09 20.11
N PRO B 133 3.46 -7.39 20.13
CA PRO B 133 2.93 -8.05 21.32
C PRO B 133 4.02 -8.06 22.39
N ALA B 134 3.75 -8.73 23.50
CA ALA B 134 4.56 -8.60 24.70
C ALA B 134 6.06 -8.55 24.41
N GLY B 135 6.60 -9.65 23.90
CA GLY B 135 8.03 -9.72 23.65
C GLY B 135 8.81 -10.06 24.91
N THR B 136 10.12 -10.10 24.82
CA THR B 136 10.93 -10.68 25.89
C THR B 136 12.28 -10.00 26.15
N LEU B 137 12.85 -10.26 27.33
CA LEU B 137 14.13 -9.68 27.72
C LEU B 137 15.18 -10.76 27.99
N SER B 138 16.26 -10.75 27.21
CA SER B 138 17.29 -11.77 27.32
C SER B 138 18.61 -11.17 27.73
N TRP B 139 19.22 -11.74 28.76
CA TRP B 139 20.52 -11.28 29.23
C TRP B 139 21.69 -11.88 28.47
N HIS B 140 22.75 -11.09 28.33
CA HIS B 140 23.95 -11.52 27.63
C HIS B 140 25.20 -11.13 28.38
N LEU B 141 26.00 -12.12 28.73
CA LEU B 141 27.28 -11.84 29.36
C LEU B 141 28.39 -11.82 28.32
N ASP B 142 28.92 -10.63 28.06
CA ASP B 142 30.01 -10.45 27.09
C ASP B 142 29.52 -10.54 25.65
N GLY B 143 28.21 -10.73 25.49
CA GLY B 143 27.61 -10.93 24.19
C GLY B 143 27.15 -12.36 24.01
N LYS B 144 27.31 -13.17 25.05
CA LYS B 144 26.85 -14.54 25.02
C LYS B 144 25.74 -14.75 26.04
N PRO B 145 24.74 -15.56 25.68
CA PRO B 145 23.48 -15.73 26.41
C PRO B 145 23.66 -16.11 27.87
N LEU B 146 22.69 -15.70 28.69
CA LEU B 146 22.65 -16.10 30.09
C LEU B 146 21.41 -16.93 30.37
N VAL B 147 21.62 -18.20 30.71
CA VAL B 147 20.52 -19.13 30.93
C VAL B 147 20.27 -19.35 32.42
N PRO B 148 18.99 -19.23 32.83
CA PRO B 148 18.54 -19.38 34.22
C PRO B 148 18.73 -20.79 34.77
N ASN B 149 18.66 -20.92 36.09
CA ASN B 149 18.75 -22.21 36.77
C ASN B 149 20.15 -22.81 36.73
N GLU B 150 21.01 -22.19 35.93
CA GLU B 150 22.33 -22.75 35.70
C GLU B 150 23.46 -21.85 36.23
N LYS B 151 24.10 -22.32 37.29
CA LYS B 151 25.26 -21.66 37.87
C LYS B 151 25.02 -20.20 38.31
N GLY B 152 24.23 -20.06 39.37
CA GLY B 152 24.07 -18.79 40.05
C GLY B 152 23.42 -17.69 39.24
N VAL B 153 22.97 -18.03 38.03
CA VAL B 153 22.31 -17.06 37.17
C VAL B 153 20.81 -17.08 37.40
N SER B 154 20.24 -15.94 37.80
CA SER B 154 18.81 -15.86 38.06
C SER B 154 18.19 -14.59 37.48
N VAL B 155 16.90 -14.66 37.14
CA VAL B 155 16.19 -13.53 36.58
C VAL B 155 14.81 -13.35 37.21
N LYS B 156 14.58 -12.17 37.78
CA LYS B 156 13.32 -11.88 38.44
C LYS B 156 12.48 -11.05 37.48
N GLU B 157 11.44 -11.67 36.92
CA GLU B 157 10.79 -11.11 35.73
C GLU B 157 9.29 -10.85 35.87
N GLN B 158 8.82 -9.89 35.07
CA GLN B 158 7.41 -9.54 35.05
C GLN B 158 7.04 -8.87 33.74
N THR B 159 5.74 -8.79 33.48
CA THR B 159 5.21 -7.99 32.38
C THR B 159 4.02 -7.17 32.90
N ARG B 160 4.09 -5.86 32.72
CA ARG B 160 3.04 -4.97 33.20
C ARG B 160 2.28 -4.30 32.07
N ARG B 161 1.02 -4.68 31.86
CA ARG B 161 0.26 -4.11 30.75
C ARG B 161 -0.42 -2.78 31.10
N HIS B 162 0.01 -1.69 30.46
CA HIS B 162 -0.64 -0.42 30.62
C HIS B 162 -2.11 -0.70 30.32
N PRO B 163 -2.98 -0.54 31.33
CA PRO B 163 -4.41 -0.81 31.21
C PRO B 163 -5.06 0.08 30.17
N GLU B 164 -4.51 1.26 29.96
CA GLU B 164 -5.04 2.20 28.98
C GLU B 164 -4.56 1.89 27.55
N THR B 165 -3.24 2.01 27.35
CA THR B 165 -2.67 1.80 26.03
C THR B 165 -2.71 0.34 25.61
N GLY B 166 -3.04 -0.53 26.56
CA GLY B 166 -3.07 -1.96 26.28
C GLY B 166 -1.69 -2.48 25.92
N LEU B 167 -0.68 -1.67 26.22
CA LEU B 167 0.71 -2.01 25.90
C LEU B 167 1.44 -2.63 27.10
N PHE B 168 2.71 -2.99 26.88
CA PHE B 168 3.49 -3.73 27.87
C PHE B 168 4.71 -2.98 28.40
N THR B 169 4.82 -2.93 29.72
CA THR B 169 6.03 -2.45 30.38
C THR B 169 6.78 -3.67 30.90
N LEU B 170 8.04 -3.80 30.46
CA LEU B 170 8.82 -4.99 30.78
C LEU B 170 9.93 -4.73 31.80
N GLN B 171 10.13 -5.70 32.70
CA GLN B 171 11.21 -5.63 33.68
C GLN B 171 11.88 -6.99 33.87
N SER B 172 13.21 -7.02 33.80
CA SER B 172 13.97 -8.23 34.02
C SER B 172 15.14 -7.92 34.96
N GLU B 173 15.12 -8.51 36.15
CA GLU B 173 16.20 -8.29 37.10
C GLU B 173 17.13 -9.48 37.15
N LEU B 174 18.40 -9.25 36.81
CA LEU B 174 19.39 -10.32 36.79
C LEU B 174 20.29 -10.32 38.03
N MET B 175 20.52 -11.51 38.56
CA MET B 175 21.48 -11.70 39.62
C MET B 175 22.37 -12.87 39.23
N VAL B 176 23.62 -12.88 39.70
CA VAL B 176 24.57 -13.92 39.31
C VAL B 176 25.48 -14.29 40.46
N THR B 177 25.85 -15.56 40.54
CA THR B 177 26.95 -15.97 41.41
C THR B 177 28.16 -16.22 40.53
N PRO B 178 29.14 -15.31 40.58
CA PRO B 178 30.35 -15.46 39.77
C PRO B 178 31.23 -16.56 40.34
N ALA B 179 31.86 -17.34 39.47
CA ALA B 179 32.83 -18.30 39.92
C ALA B 179 34.05 -17.55 40.45
N ARG B 180 34.48 -17.90 41.66
CA ARG B 180 35.66 -17.27 42.24
C ARG B 180 36.84 -17.41 41.29
N GLY B 181 37.48 -16.30 40.96
CA GLY B 181 38.56 -16.27 39.99
C GLY B 181 38.10 -16.07 38.55
N GLY B 182 36.96 -15.41 38.37
CA GLY B 182 36.41 -15.18 37.04
C GLY B 182 36.84 -13.86 36.42
N ASP B 183 36.27 -13.53 35.27
CA ASP B 183 36.58 -12.27 34.62
C ASP B 183 36.22 -11.12 35.55
N PRO B 184 37.24 -10.35 35.97
CA PRO B 184 37.13 -9.21 36.88
C PRO B 184 36.42 -7.99 36.30
N ARG B 185 36.24 -7.95 34.99
CA ARG B 185 35.49 -6.87 34.35
C ARG B 185 34.56 -7.39 33.25
N PRO B 186 33.59 -8.24 33.62
CA PRO B 186 32.66 -8.87 32.68
C PRO B 186 31.56 -7.91 32.22
N THR B 187 31.00 -8.19 31.04
CA THR B 187 30.06 -7.30 30.39
C THR B 187 28.66 -7.90 30.29
N PHE B 188 27.67 -7.19 30.84
CA PHE B 188 26.29 -7.62 30.70
C PHE B 188 25.52 -6.68 29.77
N SER B 189 24.59 -7.26 29.01
CA SER B 189 23.64 -6.49 28.20
C SER B 189 22.25 -7.13 28.30
N CYS B 190 21.25 -6.46 27.76
CA CYS B 190 19.89 -6.99 27.78
C CYS B 190 19.22 -6.79 26.41
N SER B 191 18.54 -7.82 25.92
CA SER B 191 18.02 -7.79 24.56
C SER B 191 16.53 -8.12 24.45
N PHE B 192 15.74 -7.14 24.02
CA PHE B 192 14.33 -7.33 23.79
C PHE B 192 14.08 -7.94 22.43
N SER B 193 13.27 -8.99 22.38
CA SER B 193 12.87 -9.58 21.10
C SER B 193 11.36 -9.78 21.04
N PRO B 194 10.76 -9.52 19.88
CA PRO B 194 9.33 -9.66 19.59
C PRO B 194 9.00 -11.04 19.04
N GLY B 195 7.72 -11.29 18.77
CA GLY B 195 7.27 -12.63 18.41
C GLY B 195 7.78 -13.19 17.09
N LEU B 196 7.49 -12.51 15.99
CA LEU B 196 7.95 -13.00 14.70
C LEU B 196 9.16 -12.19 14.22
N PRO B 197 9.67 -12.51 13.02
CA PRO B 197 10.66 -11.58 12.47
C PRO B 197 9.90 -10.36 11.99
N ARG B 198 9.04 -9.85 12.87
CA ARG B 198 8.27 -8.65 12.59
C ARG B 198 9.23 -7.49 12.75
N HIS B 199 10.40 -7.80 13.28
CA HIS B 199 11.48 -6.84 13.45
C HIS B 199 12.69 -7.46 14.14
N ARG B 200 13.74 -6.65 14.30
CA ARG B 200 15.00 -7.08 14.90
C ARG B 200 15.03 -6.91 16.42
N ALA B 201 16.22 -7.09 16.99
CA ALA B 201 16.40 -7.05 18.45
C ALA B 201 17.00 -5.72 18.93
N LEU B 202 16.54 -5.27 20.10
CA LEU B 202 17.03 -4.03 20.69
C LEU B 202 17.90 -4.34 21.91
N ARG B 203 19.10 -3.78 21.93
CA ARG B 203 20.05 -4.05 23.00
C ARG B 203 20.28 -2.84 23.89
N THR B 204 20.42 -3.08 25.19
CA THR B 204 20.69 -2.03 26.16
C THR B 204 22.15 -1.64 26.12
N ALA B 205 22.43 -0.36 26.35
CA ALA B 205 23.79 0.07 26.56
C ALA B 205 24.35 -0.81 27.68
N PRO B 206 25.51 -1.45 27.43
CA PRO B 206 26.00 -2.44 28.38
C PRO B 206 26.40 -1.83 29.72
N ILE B 207 26.79 -2.71 30.64
CA ILE B 207 27.36 -2.28 31.90
C ILE B 207 28.61 -3.11 32.14
N GLN B 208 29.69 -2.46 32.53
CA GLN B 208 30.96 -3.15 32.70
C GLN B 208 31.39 -3.04 34.15
N PRO B 209 30.64 -3.71 35.04
CA PRO B 209 30.94 -3.56 36.46
C PRO B 209 32.32 -4.11 36.75
N ARG B 210 32.76 -3.95 37.99
CA ARG B 210 34.06 -4.41 38.42
C ARG B 210 33.82 -5.59 39.33
N VAL B 211 34.48 -6.72 39.04
CA VAL B 211 34.34 -7.88 39.91
C VAL B 211 35.46 -7.94 40.93
N TRP B 212 35.09 -7.71 42.19
CA TRP B 212 36.04 -7.71 43.29
C TRP B 212 35.99 -9.08 43.96
N GLU B 213 37.13 -9.55 44.42
CA GLU B 213 37.23 -10.88 45.04
C GLU B 213 36.96 -10.80 46.54
N PRO B 214 36.59 -11.94 47.16
CA PRO B 214 36.29 -11.99 48.59
C PRO B 214 37.53 -11.85 49.48
N VAL B 215 37.40 -11.04 50.52
CA VAL B 215 38.47 -10.88 51.51
C VAL B 215 38.72 -12.22 52.22
N PRO B 216 39.97 -12.70 52.17
CA PRO B 216 40.39 -14.01 52.70
C PRO B 216 40.11 -14.20 54.19
N LEU B 217 39.86 -15.45 54.57
CA LEU B 217 39.50 -15.79 55.94
C LEU B 217 40.56 -16.67 56.62
#